data_4H6Q
#
_entry.id   4H6Q
#
_cell.length_a   44.469
_cell.length_b   95.462
_cell.length_c   136.393
_cell.angle_alpha   90.000
_cell.angle_beta   90.000
_cell.angle_gamma   90.000
#
_symmetry.space_group_name_H-M   'P 21 21 21'
#
loop_
_entity.id
_entity.type
_entity.pdbx_description
1 polymer 'Proline dehydrogenase'
2 non-polymer 'FLAVIN-ADENINE DINUCLEOTIDE'
3 non-polymer 'TETRAHYDROFURAN-2-CARBOXYLIC ACID'
4 non-polymer GLYCEROL
5 water water
#
_entity_poly.entity_id   1
_entity_poly.type   'polypeptide(L)'
_entity_poly.pdbx_seq_one_letter_code
;GHMIDQLYRKAVLTVAERPQVEQLARQKMWNLAERFVAGESIESAIQAVQALERDGIAGNLDLLGEFIDSPAKCTEFADD
VIKLIEAAHAAGIKPYVSIKLSSVGQGKDENGEDLGLTNARRIIAKAKEYGGFICLDMEDHTRVDVTLEQFRTLVGEFGA
EHVGTVLQSYLYRSLGDRASLDDLRPNIRMVKGAYLEPATVAYPDKADVDQNYRRLVFQHLKAGNYTNVATHDERIIDDV
KRFVLAHGIGKDAFEFQMLYGIRRDLQKQLAAEGYRVRVYLPYGRDWYAYFSRRIAETPRNAAFVVQGMLKG
;
_entity_poly.pdbx_strand_id   A,C
#
# COMPACT_ATOMS: atom_id res chain seq x y z
N PRO A 19 -0.46 14.29 21.59
CA PRO A 19 0.29 14.61 22.81
C PRO A 19 1.46 15.55 22.54
N GLN A 20 1.81 16.40 23.53
CA GLN A 20 2.97 17.29 23.43
C GLN A 20 4.26 16.48 23.20
N VAL A 21 4.35 15.31 23.83
CA VAL A 21 5.51 14.41 23.68
C VAL A 21 5.71 13.91 22.24
N GLU A 22 4.64 13.92 21.42
CA GLU A 22 4.72 13.39 20.06
C GLU A 22 4.97 14.45 18.97
N GLN A 23 5.02 15.72 19.37
CA GLN A 23 5.21 16.82 18.44
C GLN A 23 6.47 16.68 17.59
N LEU A 24 7.60 16.32 18.20
CA LEU A 24 8.83 16.21 17.44
C LEU A 24 8.71 15.11 16.38
N ALA A 25 8.27 13.92 16.75
CA ALA A 25 8.04 12.83 15.80
C ALA A 25 7.04 13.17 14.68
N ARG A 26 5.94 13.86 15.01
CA ARG A 26 5.01 14.32 13.97
C ARG A 26 5.68 15.26 12.95
N GLN A 27 6.48 16.19 13.47
CA GLN A 27 7.21 17.14 12.61
C GLN A 27 8.28 16.40 11.78
N LYS A 28 9.03 15.48 12.39
CA LYS A 28 9.97 14.69 11.63
C LYS A 28 9.32 13.86 10.51
N MET A 29 8.11 13.30 10.74
CA MET A 29 7.44 12.56 9.68
CA MET A 29 7.41 12.55 9.69
C MET A 29 7.03 13.49 8.55
N TRP A 30 6.51 14.66 8.90
CA TRP A 30 6.20 15.66 7.89
C TRP A 30 7.44 16.13 7.14
N ASN A 31 8.58 16.26 7.82
CA ASN A 31 9.78 16.63 7.08
C ASN A 31 10.17 15.57 6.06
N LEU A 32 10.01 14.30 6.42
CA LEU A 32 10.23 13.23 5.47
C LEU A 32 9.26 13.37 4.29
N ALA A 33 7.98 13.56 4.59
CA ALA A 33 6.97 13.66 3.54
C ALA A 33 7.14 14.88 2.62
N GLU A 34 7.73 15.94 3.15
CA GLU A 34 7.92 17.18 2.39
C GLU A 34 8.87 17.00 1.21
N ARG A 35 9.65 15.94 1.20
CA ARG A 35 10.35 15.64 -0.04
C ARG A 35 9.42 15.41 -1.22
N PHE A 36 8.29 14.75 -0.94
CA PHE A 36 7.37 14.24 -1.95
C PHE A 36 6.10 15.09 -2.09
N VAL A 37 5.80 15.94 -1.10
CA VAL A 37 4.49 16.64 -1.03
C VAL A 37 4.79 18.10 -0.91
N ALA A 38 4.18 18.96 -1.75
CA ALA A 38 4.57 20.36 -1.74
C ALA A 38 4.28 21.08 -0.39
N GLY A 39 3.24 20.67 0.27
CA GLY A 39 2.72 21.34 1.43
C GLY A 39 1.27 20.96 1.55
N GLU A 40 0.56 21.65 2.43
CA GLU A 40 -0.83 21.31 2.73
C GLU A 40 -1.85 22.26 2.10
N SER A 41 -1.39 23.37 1.50
CA SER A 41 -2.32 24.40 1.00
C SER A 41 -2.23 24.60 -0.51
N ILE A 42 -3.29 25.16 -1.09
CA ILE A 42 -3.20 25.60 -2.49
C ILE A 42 -2.00 26.55 -2.69
N GLU A 43 -1.78 27.48 -1.73
CA GLU A 43 -0.67 28.44 -1.87
C GLU A 43 0.69 27.76 -1.98
N SER A 44 0.90 26.72 -1.17
CA SER A 44 2.17 26.02 -1.21
C SER A 44 2.33 25.30 -2.54
N ALA A 45 1.23 24.78 -3.10
CA ALA A 45 1.33 24.09 -4.37
C ALA A 45 1.64 25.08 -5.52
N ILE A 46 0.97 26.22 -5.53
CA ILE A 46 1.19 27.22 -6.56
CA ILE A 46 1.20 27.19 -6.59
C ILE A 46 2.64 27.71 -6.51
N GLN A 47 3.15 27.97 -5.32
CA GLN A 47 4.55 28.38 -5.16
C GLN A 47 5.52 27.31 -5.70
N ALA A 48 5.20 26.04 -5.47
CA ALA A 48 6.07 24.98 -5.96
C ALA A 48 6.01 24.91 -7.48
N VAL A 49 4.84 25.08 -8.09
CA VAL A 49 4.77 25.11 -9.54
C VAL A 49 5.52 26.31 -10.13
N GLN A 50 5.44 27.48 -9.48
CA GLN A 50 6.18 28.63 -9.97
C GLN A 50 7.70 28.37 -9.92
N ALA A 51 8.15 27.69 -8.87
CA ALA A 51 9.56 27.33 -8.78
C ALA A 51 9.96 26.37 -9.89
N LEU A 52 9.14 25.36 -10.19
CA LEU A 52 9.44 24.46 -11.30
C LEU A 52 9.51 25.22 -12.63
N GLU A 53 8.58 26.14 -12.87
CA GLU A 53 8.54 26.88 -14.14
C GLU A 53 9.77 27.75 -14.32
N ARG A 54 10.29 28.30 -13.20
CA ARG A 54 11.52 29.07 -13.29
C ARG A 54 12.72 28.23 -13.77
N ASP A 55 12.62 26.91 -13.61
CA ASP A 55 13.66 25.97 -14.06
C ASP A 55 13.25 25.25 -15.37
N GLY A 56 12.24 25.76 -16.05
CA GLY A 56 11.86 25.25 -17.36
C GLY A 56 11.05 23.97 -17.28
N ILE A 57 10.47 23.67 -16.12
CA ILE A 57 9.70 22.43 -15.90
C ILE A 57 8.25 22.81 -15.66
N ALA A 58 7.33 22.09 -16.31
CA ALA A 58 5.91 22.32 -16.15
C ALA A 58 5.35 21.57 -14.92
N GLY A 59 4.17 21.98 -14.44
CA GLY A 59 3.56 21.32 -13.29
C GLY A 59 2.27 20.57 -13.65
N ASN A 60 1.96 19.60 -12.83
CA ASN A 60 0.76 18.77 -12.98
C ASN A 60 0.23 18.65 -11.54
N LEU A 61 -0.76 19.48 -11.17
CA LEU A 61 -1.20 19.62 -9.77
C LEU A 61 -2.12 18.46 -9.37
N ASP A 62 -2.01 18.03 -8.11
CA ASP A 62 -2.93 17.04 -7.59
C ASP A 62 -3.26 17.32 -6.15
N LEU A 63 -4.55 17.40 -5.83
CA LEU A 63 -5.01 17.45 -4.43
C LEU A 63 -5.03 16.03 -3.90
N LEU A 64 -4.34 15.79 -2.79
CA LEU A 64 -4.22 14.42 -2.27
C LEU A 64 -5.49 13.92 -1.59
N GLY A 65 -5.79 12.63 -1.78
CA GLY A 65 -6.95 12.01 -1.16
C GLY A 65 -7.55 10.98 -2.11
N GLU A 66 -8.18 9.94 -1.59
CA GLU A 66 -8.64 8.85 -2.44
C GLU A 66 -9.61 7.94 -1.68
N PHE A 67 -10.39 7.17 -2.43
CA PHE A 67 -11.33 6.17 -1.85
C PHE A 67 -12.19 6.83 -0.79
N ILE A 68 -12.79 7.97 -1.16
CA ILE A 68 -13.62 8.73 -0.23
C ILE A 68 -15.02 8.12 -0.16
N ASP A 69 -15.45 7.76 1.05
CA ASP A 69 -16.68 6.98 1.20
C ASP A 69 -17.96 7.76 1.10
N SER A 70 -17.95 8.97 1.62
CA SER A 70 -19.17 9.77 1.68
C SER A 70 -19.42 10.54 0.36
N PRO A 71 -20.64 10.44 -0.21
CA PRO A 71 -20.93 11.25 -1.40
C PRO A 71 -20.81 12.76 -1.17
N ALA A 72 -21.15 13.22 0.03
CA ALA A 72 -20.95 14.62 0.34
C ALA A 72 -19.46 15.00 0.28
N LYS A 73 -18.60 14.21 0.94
CA LYS A 73 -17.15 14.47 0.93
C LYS A 73 -16.52 14.35 -0.44
N CYS A 74 -17.06 13.45 -1.27
CA CYS A 74 -16.58 13.33 -2.66
C CYS A 74 -16.87 14.63 -3.42
N THR A 75 -18.03 15.23 -3.18
CA THR A 75 -18.41 16.44 -3.90
C THR A 75 -17.66 17.63 -3.34
N GLU A 76 -17.49 17.69 -2.03
CA GLU A 76 -16.59 18.70 -1.43
C GLU A 76 -15.19 18.62 -2.00
N PHE A 77 -14.69 17.40 -2.20
CA PHE A 77 -13.33 17.20 -2.72
C PHE A 77 -13.30 17.79 -4.15
N ALA A 78 -14.30 17.47 -4.98
CA ALA A 78 -14.37 18.07 -6.32
C ALA A 78 -14.41 19.61 -6.27
N ASP A 79 -15.14 20.16 -5.29
CA ASP A 79 -15.20 21.61 -5.15
C ASP A 79 -13.82 22.18 -4.79
N ASP A 80 -13.04 21.47 -3.98
CA ASP A 80 -11.68 21.85 -3.68
C ASP A 80 -10.74 21.77 -4.85
N VAL A 81 -10.96 20.82 -5.75
CA VAL A 81 -10.20 20.79 -7.01
C VAL A 81 -10.55 21.99 -7.90
N ILE A 82 -11.84 22.37 -7.94
CA ILE A 82 -12.23 23.59 -8.66
C ILE A 82 -11.57 24.80 -8.04
N LYS A 83 -11.50 24.91 -6.70
CA LYS A 83 -10.82 26.05 -6.06
C LYS A 83 -9.35 26.08 -6.48
N LEU A 84 -8.72 24.92 -6.60
CA LEU A 84 -7.33 24.84 -7.06
C LEU A 84 -7.20 25.38 -8.48
N ILE A 85 -8.09 24.93 -9.38
CA ILE A 85 -8.04 25.39 -10.77
C ILE A 85 -8.22 26.91 -10.83
N GLU A 86 -9.16 27.46 -10.08
CA GLU A 86 -9.32 28.93 -10.05
C GLU A 86 -8.06 29.62 -9.57
N ALA A 87 -7.43 29.10 -8.53
CA ALA A 87 -6.24 29.72 -7.98
C ALA A 87 -5.07 29.63 -8.95
N ALA A 88 -4.90 28.48 -9.60
CA ALA A 88 -3.84 28.35 -10.62
C ALA A 88 -4.02 29.37 -11.74
N HIS A 89 -5.23 29.43 -12.27
CA HIS A 89 -5.54 30.39 -13.34
C HIS A 89 -5.25 31.82 -12.88
N ALA A 90 -5.68 32.20 -11.67
CA ALA A 90 -5.50 33.58 -11.20
C ALA A 90 -4.03 33.93 -11.05
N ALA A 91 -3.17 32.91 -10.85
CA ALA A 91 -1.73 33.09 -10.70
C ALA A 91 -1.00 33.08 -12.05
N GLY A 92 -1.75 32.86 -13.12
CA GLY A 92 -1.16 32.77 -14.44
C GLY A 92 -0.61 31.41 -14.80
N ILE A 93 -1.08 30.38 -14.12
CA ILE A 93 -0.66 29.01 -14.45
C ILE A 93 -1.81 28.34 -15.21
N LYS A 94 -1.53 27.81 -16.41
CA LYS A 94 -2.54 27.06 -17.16
C LYS A 94 -2.89 25.82 -16.32
N PRO A 95 -4.17 25.63 -16.01
CA PRO A 95 -4.51 24.48 -15.16
C PRO A 95 -4.20 23.14 -15.84
N TYR A 96 -3.36 22.38 -15.19
CA TYR A 96 -3.11 20.99 -15.58
C TYR A 96 -3.19 20.24 -14.26
N VAL A 97 -4.23 19.41 -14.09
CA VAL A 97 -4.55 18.79 -12.81
C VAL A 97 -4.83 17.31 -13.04
N SER A 98 -4.33 16.48 -12.12
CA SER A 98 -4.66 15.05 -12.09
C SER A 98 -5.59 14.76 -10.97
N ILE A 99 -6.63 14.01 -11.29
CA ILE A 99 -7.61 13.57 -10.28
C ILE A 99 -7.70 12.06 -10.27
N LYS A 100 -7.99 11.52 -9.08
CA LYS A 100 -8.38 10.11 -8.90
C LYS A 100 -9.89 10.07 -8.84
N LEU A 101 -10.54 9.32 -9.72
CA LEU A 101 -12.00 9.37 -9.71
C LEU A 101 -12.61 8.80 -8.40
N SER A 102 -11.86 7.94 -7.67
CA SER A 102 -12.34 7.49 -6.36
C SER A 102 -12.38 8.62 -5.32
N SER A 103 -11.75 9.77 -5.58
CA SER A 103 -11.86 10.91 -4.69
C SER A 103 -13.11 11.73 -4.93
N VAL A 104 -13.78 11.50 -6.08
CA VAL A 104 -14.92 12.36 -6.41
C VAL A 104 -16.20 11.57 -6.70
N GLY A 105 -16.20 10.29 -6.29
CA GLY A 105 -17.45 9.55 -6.24
C GLY A 105 -17.67 8.44 -7.24
N GLN A 106 -16.64 8.05 -7.99
CA GLN A 106 -16.77 6.96 -8.92
C GLN A 106 -17.34 5.70 -8.30
N GLY A 107 -18.40 5.18 -8.89
CA GLY A 107 -19.03 3.98 -8.38
C GLY A 107 -20.24 4.28 -7.53
N LYS A 108 -20.50 5.53 -7.17
CA LYS A 108 -21.67 5.88 -6.40
C LYS A 108 -22.70 6.55 -7.30
N ASP A 109 -23.96 6.22 -7.10
CA ASP A 109 -25.03 6.81 -7.84
C ASP A 109 -25.61 8.00 -7.11
N GLU A 110 -25.81 9.10 -7.84
CA GLU A 110 -26.57 10.26 -7.32
CA GLU A 110 -26.52 10.27 -7.34
C GLU A 110 -27.57 10.64 -8.40
N ASN A 111 -28.86 10.56 -8.03
CA ASN A 111 -29.94 10.88 -8.97
C ASN A 111 -29.83 10.17 -10.33
N GLY A 112 -29.44 8.90 -10.31
CA GLY A 112 -29.35 8.10 -11.52
C GLY A 112 -28.10 8.22 -12.40
N GLU A 113 -27.08 8.94 -11.92
CA GLU A 113 -25.83 9.09 -12.68
C GLU A 113 -24.68 8.81 -11.76
N ASP A 114 -23.57 8.35 -12.31
CA ASP A 114 -22.38 8.16 -11.49
C ASP A 114 -21.84 9.47 -10.98
N LEU A 115 -21.66 9.57 -9.67
CA LEU A 115 -21.21 10.83 -9.04
C LEU A 115 -19.80 11.23 -9.44
N GLY A 116 -18.91 10.26 -9.66
CA GLY A 116 -17.59 10.54 -10.21
C GLY A 116 -17.68 11.20 -11.58
N LEU A 117 -18.55 10.69 -12.44
CA LEU A 117 -18.72 11.27 -13.76
C LEU A 117 -19.30 12.70 -13.66
N THR A 118 -20.31 12.91 -12.82
CA THR A 118 -20.90 14.22 -12.59
CA THR A 118 -20.82 14.27 -12.79
C THR A 118 -19.83 15.24 -12.14
N ASN A 119 -19.05 14.83 -11.15
CA ASN A 119 -18.05 15.74 -10.60
C ASN A 119 -16.93 15.95 -11.60
N ALA A 120 -16.50 14.89 -12.32
CA ALA A 120 -15.44 15.08 -13.32
C ALA A 120 -15.86 16.05 -14.41
N ARG A 121 -17.12 16.01 -14.81
CA ARG A 121 -17.62 16.99 -15.79
C ARG A 121 -17.41 18.42 -15.31
N ARG A 122 -17.71 18.70 -14.04
CA ARG A 122 -17.58 20.06 -13.50
C ARG A 122 -16.11 20.48 -13.45
N ILE A 123 -15.24 19.57 -13.03
CA ILE A 123 -13.82 19.83 -12.98
C ILE A 123 -13.25 20.12 -14.38
N ILE A 124 -13.57 19.25 -15.35
CA ILE A 124 -13.01 19.40 -16.68
C ILE A 124 -13.57 20.66 -17.35
N ALA A 125 -14.86 20.95 -17.16
CA ALA A 125 -15.45 22.17 -17.76
C ALA A 125 -14.68 23.41 -17.25
N LYS A 126 -14.35 23.45 -15.96
CA LYS A 126 -13.67 24.60 -15.39
C LYS A 126 -12.24 24.69 -15.94
N ALA A 127 -11.50 23.59 -15.95
CA ALA A 127 -10.15 23.60 -16.50
C ALA A 127 -10.21 24.02 -17.97
N LYS A 128 -11.16 23.50 -18.75
CA LYS A 128 -11.25 23.85 -20.18
C LYS A 128 -11.58 25.32 -20.40
N GLU A 129 -12.37 25.94 -19.52
CA GLU A 129 -12.65 27.38 -19.66
C GLU A 129 -11.34 28.17 -19.70
N TYR A 130 -10.35 27.67 -18.98
CA TYR A 130 -9.10 28.39 -18.84
C TYR A 130 -8.01 27.76 -19.72
N GLY A 131 -8.45 26.98 -20.70
CA GLY A 131 -7.55 26.37 -21.68
C GLY A 131 -6.75 25.22 -21.11
N GLY A 132 -7.19 24.69 -19.97
CA GLY A 132 -6.47 23.66 -19.23
C GLY A 132 -6.77 22.22 -19.58
N PHE A 133 -6.29 21.32 -18.70
CA PHE A 133 -6.26 19.90 -18.97
C PHE A 133 -6.45 19.11 -17.68
N ILE A 134 -7.20 18.01 -17.74
CA ILE A 134 -7.34 17.12 -16.58
C ILE A 134 -6.89 15.73 -16.98
N CYS A 135 -6.04 15.13 -16.14
CA CYS A 135 -5.74 13.71 -16.29
C CYS A 135 -6.53 12.88 -15.28
N LEU A 136 -7.19 11.82 -15.74
CA LEU A 136 -7.81 10.80 -14.88
C LEU A 136 -6.73 9.77 -14.54
N ASP A 137 -6.19 9.85 -13.30
CA ASP A 137 -5.18 8.88 -12.84
C ASP A 137 -5.80 7.46 -12.89
N MET A 138 -4.95 6.47 -13.08
CA MET A 138 -5.43 5.08 -13.02
C MET A 138 -5.17 4.47 -11.65
N GLU A 139 -6.24 3.99 -10.99
CA GLU A 139 -6.15 3.39 -9.68
C GLU A 139 -6.00 1.87 -9.81
N ASP A 140 -6.49 1.10 -8.84
CA ASP A 140 -6.22 -0.35 -8.88
C ASP A 140 -7.08 -1.05 -9.95
N HIS A 141 -6.83 -2.34 -10.20
CA HIS A 141 -7.36 -2.96 -11.43
C HIS A 141 -8.88 -3.03 -11.49
N THR A 142 -9.54 -3.00 -10.31
CA THR A 142 -11.00 -3.06 -10.26
C THR A 142 -11.68 -1.83 -10.83
N ARG A 143 -10.92 -0.76 -11.09
CA ARG A 143 -11.49 0.50 -11.55
C ARG A 143 -11.15 0.80 -13.01
N VAL A 144 -10.39 -0.08 -13.67
CA VAL A 144 -9.92 0.20 -15.04
C VAL A 144 -11.07 0.27 -16.05
N ASP A 145 -11.99 -0.70 -16.04
CA ASP A 145 -13.08 -0.67 -17.02
C ASP A 145 -13.92 0.58 -16.91
N VAL A 146 -14.38 0.92 -15.70
CA VAL A 146 -15.21 2.09 -15.53
C VAL A 146 -14.43 3.38 -15.83
N THR A 147 -13.15 3.45 -15.44
CA THR A 147 -12.38 4.66 -15.77
C THR A 147 -12.23 4.81 -17.29
N LEU A 148 -11.97 3.74 -18.03
CA LEU A 148 -11.83 3.85 -19.49
C LEU A 148 -13.16 4.16 -20.20
N GLU A 149 -14.27 3.63 -19.68
CA GLU A 149 -15.60 3.99 -20.17
C GLU A 149 -15.88 5.47 -19.95
N GLN A 150 -15.61 5.94 -18.73
CA GLN A 150 -15.86 7.34 -18.39
C GLN A 150 -14.92 8.27 -19.17
N PHE A 151 -13.67 7.84 -19.34
CA PHE A 151 -12.73 8.60 -20.19
C PHE A 151 -13.27 8.79 -21.61
N ARG A 152 -13.77 7.71 -22.23
CA ARG A 152 -14.31 7.82 -23.58
C ARG A 152 -15.51 8.77 -23.60
N THR A 153 -16.41 8.66 -22.62
CA THR A 153 -17.52 9.60 -22.53
C THR A 153 -17.04 11.07 -22.43
N LEU A 154 -16.05 11.31 -21.57
CA LEU A 154 -15.59 12.65 -21.29
C LEU A 154 -14.83 13.23 -22.48
N VAL A 155 -14.06 12.43 -23.20
CA VAL A 155 -13.43 12.91 -24.44
C VAL A 155 -14.51 13.38 -25.43
N GLY A 156 -15.60 12.63 -25.54
CA GLY A 156 -16.70 13.02 -26.39
C GLY A 156 -17.32 14.36 -26.03
N GLU A 157 -17.40 14.63 -24.72
CA GLU A 157 -17.98 15.88 -24.22
C GLU A 157 -17.07 17.12 -24.24
N PHE A 158 -15.78 16.93 -24.03
CA PHE A 158 -14.85 18.03 -23.80
C PHE A 158 -13.68 18.09 -24.76
N GLY A 159 -13.38 16.98 -25.46
CA GLY A 159 -12.31 16.96 -26.43
C GLY A 159 -11.02 16.36 -25.89
N ALA A 160 -10.31 15.65 -26.75
CA ALA A 160 -9.02 15.02 -26.40
C ALA A 160 -7.93 16.02 -25.99
N GLU A 161 -8.12 17.28 -26.33
CA GLU A 161 -7.20 18.32 -25.88
C GLU A 161 -7.37 18.70 -24.40
N HIS A 162 -8.44 18.23 -23.77
CA HIS A 162 -8.76 18.70 -22.43
C HIS A 162 -8.88 17.64 -21.37
N VAL A 163 -8.89 16.36 -21.75
CA VAL A 163 -8.92 15.28 -20.74
C VAL A 163 -8.10 14.15 -21.26
N GLY A 164 -7.28 13.57 -20.38
CA GLY A 164 -6.40 12.45 -20.66
C GLY A 164 -6.53 11.37 -19.60
N THR A 165 -5.80 10.29 -19.77
CA THR A 165 -5.78 9.25 -18.73
C THR A 165 -4.42 8.56 -18.70
N VAL A 166 -4.38 7.39 -18.06
CA VAL A 166 -3.14 6.71 -17.70
C VAL A 166 -3.31 5.22 -18.01
N LEU A 167 -2.26 4.56 -18.52
CA LEU A 167 -2.23 3.10 -18.61
C LEU A 167 -1.01 2.58 -17.91
N GLN A 168 -1.22 1.45 -17.23
CA GLN A 168 -0.16 0.87 -16.38
C GLN A 168 0.50 -0.33 -17.07
N SER A 169 1.81 -0.29 -17.26
CA SER A 169 2.49 -1.35 -18.04
C SER A 169 2.54 -2.69 -17.32
N TYR A 170 2.29 -2.73 -16.01
CA TYR A 170 2.30 -4.02 -15.34
C TYR A 170 1.08 -4.87 -15.63
N LEU A 171 0.02 -4.30 -16.20
CA LEU A 171 -1.21 -5.08 -16.47
C LEU A 171 -1.18 -5.77 -17.83
N TYR A 172 -1.57 -7.04 -17.88
CA TYR A 172 -1.67 -7.75 -19.14
C TYR A 172 -2.63 -7.08 -20.12
N ARG A 173 -3.66 -6.40 -19.60
CA ARG A 173 -4.72 -5.85 -20.47
C ARG A 173 -4.34 -4.53 -21.15
N SER A 174 -3.25 -3.90 -20.70
CA SER A 174 -2.99 -2.51 -21.08
C SER A 174 -2.73 -2.27 -22.59
N LEU A 175 -1.98 -3.15 -23.25
CA LEU A 175 -1.73 -2.95 -24.68
C LEU A 175 -3.04 -2.96 -25.48
N GLY A 176 -3.94 -3.90 -25.17
CA GLY A 176 -5.22 -3.97 -25.83
C GLY A 176 -6.06 -2.73 -25.52
N ASP A 177 -6.01 -2.26 -24.27
CA ASP A 177 -6.75 -1.04 -23.91
C ASP A 177 -6.23 0.15 -24.73
N ARG A 178 -4.90 0.24 -24.91
CA ARG A 178 -4.34 1.37 -25.61
C ARG A 178 -4.81 1.38 -27.06
N ALA A 179 -4.76 0.21 -27.68
CA ALA A 179 -5.24 0.10 -29.05
C ALA A 179 -6.72 0.42 -29.18
N SER A 180 -7.52 0.04 -28.16
CA SER A 180 -8.96 0.26 -28.23
C SER A 180 -9.32 1.74 -28.17
N LEU A 181 -8.39 2.56 -27.72
CA LEU A 181 -8.61 3.98 -27.53
C LEU A 181 -8.15 4.84 -28.71
N ASP A 182 -7.51 4.22 -29.72
CA ASP A 182 -6.85 5.01 -30.77
C ASP A 182 -7.77 5.94 -31.54
N ASP A 183 -9.06 5.60 -31.66
CA ASP A 183 -9.99 6.45 -32.40
C ASP A 183 -10.20 7.79 -31.72
N LEU A 184 -9.89 7.85 -30.43
CA LEU A 184 -10.06 9.09 -29.69
C LEU A 184 -8.82 10.01 -29.81
N ARG A 185 -7.72 9.51 -30.41
CA ARG A 185 -6.42 10.22 -30.47
C ARG A 185 -6.04 10.71 -29.07
N PRO A 186 -6.03 9.83 -28.07
CA PRO A 186 -5.99 10.32 -26.68
C PRO A 186 -4.63 10.66 -26.16
N ASN A 187 -4.58 11.63 -25.25
CA ASN A 187 -3.38 11.93 -24.44
C ASN A 187 -3.35 10.88 -23.31
N ILE A 188 -2.30 10.04 -23.30
CA ILE A 188 -2.15 8.99 -22.28
C ILE A 188 -0.78 9.05 -21.63
N ARG A 189 -0.75 9.01 -20.30
CA ARG A 189 0.46 8.85 -19.49
C ARG A 189 0.74 7.35 -19.32
N MET A 190 1.92 6.88 -19.71
CA MET A 190 2.33 5.50 -19.46
C MET A 190 3.12 5.44 -18.18
N VAL A 191 2.72 4.52 -17.27
CA VAL A 191 3.40 4.35 -15.98
C VAL A 191 3.65 2.85 -15.81
N LYS A 192 4.49 2.46 -14.87
CA LYS A 192 4.68 1.04 -14.54
C LYS A 192 3.46 0.50 -13.77
N GLY A 193 3.08 1.13 -12.67
CA GLY A 193 1.92 0.70 -11.89
C GLY A 193 2.19 0.78 -10.40
N ALA A 194 1.28 1.41 -9.65
CA ALA A 194 1.55 1.77 -8.25
C ALA A 194 1.02 0.81 -7.21
N TYR A 195 0.19 -0.16 -7.60
CA TYR A 195 -0.63 -0.92 -6.64
C TYR A 195 -0.17 -2.36 -6.49
N LEU A 196 -0.67 -3.05 -5.48
CA LEU A 196 -0.36 -4.46 -5.24
C LEU A 196 -1.31 -5.28 -6.06
N GLU A 197 -0.79 -6.01 -7.03
CA GLU A 197 -1.65 -6.77 -7.99
C GLU A 197 -1.15 -8.21 -8.18
N PRO A 198 -2.09 -9.17 -8.24
CA PRO A 198 -1.73 -10.59 -8.32
C PRO A 198 -1.34 -11.00 -9.75
N ALA A 199 -0.66 -12.15 -9.87
CA ALA A 199 -0.14 -12.63 -11.14
C ALA A 199 -1.23 -12.95 -12.15
N THR A 200 -2.49 -13.02 -11.72
CA THR A 200 -3.55 -13.18 -12.72
C THR A 200 -3.87 -11.87 -13.45
N VAL A 201 -3.36 -10.76 -12.92
CA VAL A 201 -3.71 -9.40 -13.41
C VAL A 201 -2.48 -8.69 -13.93
N ALA A 202 -1.36 -8.87 -13.24
CA ALA A 202 -0.13 -8.14 -13.50
C ALA A 202 1.07 -9.05 -13.66
N TYR A 203 1.96 -8.68 -14.57
CA TYR A 203 3.23 -9.41 -14.79
C TYR A 203 4.06 -9.48 -13.50
N PRO A 204 4.41 -10.68 -13.02
CA PRO A 204 5.22 -10.71 -11.81
C PRO A 204 6.67 -10.34 -12.04
N ASP A 205 7.18 -10.57 -13.23
CA ASP A 205 8.60 -10.30 -13.50
C ASP A 205 8.77 -8.84 -13.93
N LYS A 206 9.65 -8.12 -13.23
CA LYS A 206 9.91 -6.72 -13.53
C LYS A 206 10.46 -6.52 -14.93
N ALA A 207 11.18 -7.49 -15.46
CA ALA A 207 11.66 -7.38 -16.85
C ALA A 207 10.47 -7.31 -17.82
N ASP A 208 9.40 -8.03 -17.53
CA ASP A 208 8.19 -7.93 -18.37
C ASP A 208 7.46 -6.60 -18.21
N VAL A 209 7.35 -6.12 -16.97
CA VAL A 209 6.80 -4.78 -16.73
C VAL A 209 7.55 -3.74 -17.53
N ASP A 210 8.88 -3.83 -17.51
CA ASP A 210 9.72 -2.82 -18.19
C ASP A 210 9.64 -2.92 -19.73
N GLN A 211 9.59 -4.14 -20.27
CA GLN A 211 9.41 -4.32 -21.70
C GLN A 211 8.05 -3.83 -22.16
N ASN A 212 7.03 -4.15 -21.38
CA ASN A 212 5.66 -3.77 -21.74
C ASN A 212 5.52 -2.25 -21.70
N TYR A 213 6.27 -1.61 -20.79
CA TYR A 213 6.31 -0.15 -20.72
C TYR A 213 6.79 0.44 -22.05
N ARG A 214 7.89 -0.09 -22.57
CA ARG A 214 8.38 0.35 -23.87
C ARG A 214 7.33 0.14 -24.97
N ARG A 215 6.69 -1.03 -25.02
CA ARG A 215 5.67 -1.28 -26.06
C ARG A 215 4.56 -0.25 -25.98
N LEU A 216 4.10 0.10 -24.77
CA LEU A 216 3.03 1.07 -24.65
C LEU A 216 3.45 2.45 -25.21
N VAL A 217 4.61 2.94 -24.76
CA VAL A 217 5.12 4.24 -25.21
C VAL A 217 5.33 4.23 -26.71
N PHE A 218 6.01 3.22 -27.22
CA PHE A 218 6.39 3.18 -28.63
C PHE A 218 5.13 3.08 -29.50
N GLN A 219 4.15 2.28 -29.10
CA GLN A 219 2.96 2.16 -29.93
CA GLN A 219 2.93 2.15 -29.90
C GLN A 219 2.12 3.44 -29.88
N HIS A 220 2.10 4.12 -28.73
CA HIS A 220 1.36 5.36 -28.65
C HIS A 220 2.00 6.45 -29.54
N LEU A 221 3.34 6.51 -29.51
CA LEU A 221 4.06 7.47 -30.34
C LEU A 221 3.88 7.16 -31.83
N LYS A 222 3.92 5.87 -32.20
CA LYS A 222 3.77 5.53 -33.62
C LYS A 222 2.38 5.88 -34.09
N ALA A 223 1.40 5.79 -33.17
CA ALA A 223 0.01 6.11 -33.50
C ALA A 223 -0.20 7.61 -33.61
N GLY A 224 0.82 8.40 -33.25
CA GLY A 224 0.69 9.85 -33.38
C GLY A 224 -0.06 10.50 -32.23
N ASN A 225 -0.18 9.80 -31.10
CA ASN A 225 -0.92 10.37 -29.97
C ASN A 225 0.03 10.98 -28.94
N TYR A 226 -0.42 12.02 -28.26
CA TYR A 226 0.44 12.68 -27.28
C TYR A 226 0.70 11.70 -26.11
N THR A 227 1.98 11.54 -25.77
CA THR A 227 2.38 10.50 -24.82
C THR A 227 3.11 11.14 -23.69
N ASN A 228 2.75 10.79 -22.45
CA ASN A 228 3.50 11.25 -21.27
C ASN A 228 4.30 10.07 -20.75
N VAL A 229 5.62 10.20 -20.80
CA VAL A 229 6.51 9.10 -20.43
C VAL A 229 6.85 9.29 -18.94
N ALA A 230 5.98 8.75 -18.08
CA ALA A 230 6.06 8.98 -16.63
C ALA A 230 6.87 7.89 -15.96
N THR A 231 8.14 8.16 -15.72
CA THR A 231 9.04 7.21 -15.07
C THR A 231 10.28 7.92 -14.62
N HIS A 232 10.95 7.34 -13.61
CA HIS A 232 12.27 7.83 -13.21
C HIS A 232 13.38 6.83 -13.58
N ASP A 233 13.01 5.82 -14.38
CA ASP A 233 13.93 4.76 -14.78
C ASP A 233 14.81 5.25 -15.96
N GLU A 234 16.08 5.50 -15.68
CA GLU A 234 16.97 6.11 -16.66
C GLU A 234 17.21 5.22 -17.88
N ARG A 235 17.20 3.90 -17.69
CA ARG A 235 17.38 2.98 -18.82
C ARG A 235 16.21 3.16 -19.81
N ILE A 236 15.00 3.29 -19.27
CA ILE A 236 13.84 3.51 -20.12
C ILE A 236 13.89 4.90 -20.78
N ILE A 237 14.19 5.92 -19.98
CA ILE A 237 14.26 7.28 -20.51
C ILE A 237 15.28 7.34 -21.66
N ASP A 238 16.47 6.76 -21.50
CA ASP A 238 17.45 6.79 -22.57
C ASP A 238 16.94 6.06 -23.82
N ASP A 239 16.22 4.97 -23.65
CA ASP A 239 15.69 4.22 -24.78
C ASP A 239 14.58 5.01 -25.48
N VAL A 240 13.77 5.76 -24.72
CA VAL A 240 12.76 6.63 -25.34
C VAL A 240 13.43 7.74 -26.16
N LYS A 241 14.50 8.35 -25.64
CA LYS A 241 15.20 9.37 -26.38
CA LYS A 241 15.24 9.37 -26.38
C LYS A 241 15.72 8.77 -27.71
N ARG A 242 16.24 7.55 -27.65
CA ARG A 242 16.73 6.88 -28.82
C ARG A 242 15.59 6.62 -29.83
N PHE A 243 14.47 6.12 -29.35
CA PHE A 243 13.32 5.81 -30.21
C PHE A 243 12.81 7.07 -30.91
N VAL A 244 12.68 8.15 -30.16
CA VAL A 244 12.20 9.40 -30.75
C VAL A 244 13.14 9.91 -31.85
N LEU A 245 14.45 9.81 -31.60
CA LEU A 245 15.42 10.21 -32.61
C LEU A 245 15.31 9.34 -33.87
N ALA A 246 15.25 8.02 -33.69
CA ALA A 246 15.22 7.12 -34.84
C ALA A 246 13.95 7.28 -35.67
N HIS A 247 12.84 7.65 -35.02
CA HIS A 247 11.56 7.79 -35.73
C HIS A 247 11.22 9.22 -36.16
N GLY A 248 12.16 10.16 -36.00
CA GLY A 248 11.90 11.54 -36.42
C GLY A 248 10.77 12.23 -35.69
N ILE A 249 10.53 11.85 -34.43
CA ILE A 249 9.44 12.42 -33.66
C ILE A 249 9.86 13.74 -33.02
N GLY A 250 9.03 14.77 -33.14
CA GLY A 250 9.43 16.06 -32.59
C GLY A 250 9.39 16.09 -31.06
N LYS A 251 10.25 16.93 -30.48
CA LYS A 251 10.30 17.10 -29.03
C LYS A 251 9.14 17.90 -28.46
N ASP A 252 8.20 18.33 -29.32
CA ASP A 252 6.93 18.91 -28.91
C ASP A 252 5.80 17.87 -28.89
N ALA A 253 6.10 16.62 -29.25
CA ALA A 253 5.04 15.61 -29.44
C ALA A 253 4.84 14.68 -28.24
N PHE A 254 5.61 14.91 -27.18
CA PHE A 254 5.53 14.02 -25.99
C PHE A 254 6.25 14.73 -24.89
N GLU A 255 6.13 14.24 -23.66
CA GLU A 255 6.88 14.82 -22.54
C GLU A 255 7.24 13.70 -21.59
N PHE A 256 8.34 13.93 -20.86
CA PHE A 256 8.68 13.09 -19.70
C PHE A 256 7.95 13.64 -18.51
N GLN A 257 7.57 12.74 -17.59
CA GLN A 257 6.95 13.16 -16.32
C GLN A 257 7.57 12.43 -15.16
N MET A 258 7.71 13.13 -14.02
CA MET A 258 8.33 12.57 -12.80
CA MET A 258 8.28 12.53 -12.81
C MET A 258 7.51 13.05 -11.61
N LEU A 259 7.62 12.31 -10.50
CA LEU A 259 7.00 12.74 -9.26
C LEU A 259 7.86 13.81 -8.59
N TYR A 260 7.19 14.77 -7.95
CA TYR A 260 7.89 15.80 -7.16
C TYR A 260 8.92 15.16 -6.24
N GLY A 261 10.17 15.65 -6.28
CA GLY A 261 11.20 15.17 -5.36
C GLY A 261 12.01 13.99 -5.81
N ILE A 262 11.66 13.39 -6.96
CA ILE A 262 12.34 12.17 -7.39
C ILE A 262 13.13 12.43 -8.67
N ARG A 263 14.45 12.24 -8.59
CA ARG A 263 15.36 12.52 -9.72
C ARG A 263 15.24 13.94 -10.24
N ARG A 264 15.30 14.90 -9.31
CA ARG A 264 15.35 16.31 -9.68
C ARG A 264 16.49 16.60 -10.67
N ASP A 265 17.62 15.89 -10.54
CA ASP A 265 18.73 16.06 -11.48
C ASP A 265 18.32 15.74 -12.92
N LEU A 266 17.57 14.64 -13.09
CA LEU A 266 17.09 14.24 -14.43
C LEU A 266 16.07 15.25 -14.93
N GLN A 267 15.19 15.72 -14.05
CA GLN A 267 14.18 16.69 -14.44
C GLN A 267 14.88 17.88 -15.07
N LYS A 268 15.88 18.42 -14.39
CA LYS A 268 16.61 19.58 -14.89
C LYS A 268 17.40 19.30 -16.17
N GLN A 269 18.09 18.17 -16.23
CA GLN A 269 18.89 17.80 -17.38
C GLN A 269 18.06 17.65 -18.64
N LEU A 270 16.93 16.97 -18.53
CA LEU A 270 16.05 16.78 -19.68
C LEU A 270 15.50 18.11 -20.20
N ALA A 271 15.16 19.03 -19.31
CA ALA A 271 14.68 20.33 -19.76
C ALA A 271 15.81 21.10 -20.44
N ALA A 272 17.04 20.97 -19.96
CA ALA A 272 18.17 21.66 -20.56
C ALA A 272 18.47 21.10 -21.95
N GLU A 273 18.15 19.83 -22.20
CA GLU A 273 18.33 19.20 -23.51
C GLU A 273 17.18 19.54 -24.44
N GLY A 274 16.15 20.25 -23.97
CA GLY A 274 15.05 20.64 -24.86
C GLY A 274 13.90 19.66 -24.86
N TYR A 275 13.90 18.64 -23.98
CA TYR A 275 12.70 17.81 -23.83
C TYR A 275 11.68 18.51 -22.95
N ARG A 276 10.42 18.23 -23.17
CA ARG A 276 9.39 18.66 -22.23
C ARG A 276 9.44 17.78 -20.99
N VAL A 277 9.32 18.41 -19.82
CA VAL A 277 9.27 17.71 -18.55
C VAL A 277 8.11 18.32 -17.74
N ARG A 278 7.25 17.48 -17.15
CA ARG A 278 6.16 17.96 -16.31
C ARG A 278 6.11 17.15 -15.05
N VAL A 279 6.17 17.81 -13.90
CA VAL A 279 6.28 17.15 -12.63
C VAL A 279 4.94 17.06 -11.94
N TYR A 280 4.61 15.84 -11.45
CA TYR A 280 3.39 15.59 -10.69
C TYR A 280 3.59 16.20 -9.29
N LEU A 281 2.72 17.16 -8.96
CA LEU A 281 2.93 18.09 -7.84
C LEU A 281 1.76 17.97 -6.88
N PRO A 282 1.88 17.09 -5.85
CA PRO A 282 0.75 16.82 -4.95
C PRO A 282 0.79 17.72 -3.72
N TYR A 283 -0.39 18.03 -3.17
CA TYR A 283 -0.43 18.82 -1.97
C TYR A 283 -1.73 18.45 -1.22
N GLY A 284 -1.79 18.84 0.05
CA GLY A 284 -3.00 18.73 0.83
C GLY A 284 -2.73 18.10 2.18
N ARG A 285 -3.76 18.09 3.00
CA ARG A 285 -3.67 17.52 4.35
C ARG A 285 -3.73 16.00 4.40
N ASP A 286 -4.32 15.37 3.40
CA ASP A 286 -4.53 13.92 3.41
C ASP A 286 -3.42 13.23 2.58
N TRP A 287 -2.20 13.31 3.08
CA TRP A 287 -1.05 12.89 2.30
C TRP A 287 -0.55 11.50 2.61
N TYR A 288 -1.15 10.82 3.59
CA TYR A 288 -0.62 9.54 4.09
C TYR A 288 -0.59 8.43 3.05
N ALA A 289 -1.62 8.31 2.22
CA ALA A 289 -1.68 7.20 1.27
C ALA A 289 -0.60 7.34 0.19
N TYR A 290 -0.56 8.50 -0.46
CA TYR A 290 0.44 8.78 -1.50
C TYR A 290 1.84 8.66 -0.91
N PHE A 291 2.08 9.29 0.23
CA PHE A 291 3.40 9.23 0.83
C PHE A 291 3.79 7.78 1.21
N SER A 292 2.86 6.97 1.72
CA SER A 292 3.15 5.58 2.02
C SER A 292 3.62 4.80 0.79
N ARG A 293 3.05 5.11 -0.39
CA ARG A 293 3.48 4.42 -1.60
C ARG A 293 4.89 4.82 -1.97
N ARG A 294 5.24 6.10 -1.78
CA ARG A 294 6.63 6.55 -2.05
C ARG A 294 7.61 5.81 -1.16
N ILE A 295 7.24 5.62 0.12
CA ILE A 295 8.12 4.90 1.04
C ILE A 295 8.27 3.44 0.64
N ALA A 296 7.18 2.78 0.26
CA ALA A 296 7.23 1.37 -0.09
C ALA A 296 8.10 1.13 -1.31
N GLU A 297 8.18 2.14 -2.18
CA GLU A 297 8.97 2.08 -3.42
C GLU A 297 10.44 2.35 -3.24
N THR A 298 10.89 2.66 -2.03
CA THR A 298 12.28 3.05 -1.83
C THR A 298 13.26 1.99 -2.35
N PRO A 299 14.23 2.40 -3.16
CA PRO A 299 15.22 1.42 -3.65
C PRO A 299 16.08 0.75 -2.56
N PRO B 19 26.38 8.36 -2.14
CA PRO B 19 27.04 9.57 -1.62
C PRO B 19 26.61 9.88 -0.19
N GLN B 20 27.18 10.93 0.38
CA GLN B 20 26.80 11.36 1.73
C GLN B 20 25.32 11.74 1.78
N VAL B 21 24.86 12.46 0.75
CA VAL B 21 23.47 12.94 0.71
C VAL B 21 22.49 11.78 0.82
N GLU B 22 22.79 10.70 0.11
CA GLU B 22 22.00 9.47 0.18
C GLU B 22 22.03 8.84 1.58
N GLN B 23 23.23 8.75 2.16
CA GLN B 23 23.40 8.12 3.48
C GLN B 23 22.59 8.89 4.52
N LEU B 24 22.66 10.23 4.43
CA LEU B 24 21.90 11.12 5.30
C LEU B 24 20.40 10.89 5.20
N ALA B 25 19.87 10.89 3.99
CA ALA B 25 18.43 10.72 3.82
C ALA B 25 17.92 9.36 4.31
N ARG B 26 18.70 8.31 4.10
CA ARG B 26 18.27 6.99 4.52
C ARG B 26 18.30 6.90 6.04
N GLN B 27 19.26 7.59 6.66
CA GLN B 27 19.34 7.66 8.11
C GLN B 27 18.08 8.33 8.65
N LYS B 28 17.64 9.42 8.06
CA LYS B 28 16.44 10.10 8.56
C LYS B 28 15.18 9.25 8.40
N MET B 29 15.07 8.49 7.30
CA MET B 29 13.92 7.57 7.17
C MET B 29 13.99 6.45 8.20
N TRP B 30 15.18 5.87 8.40
CA TRP B 30 15.36 4.84 9.42
C TRP B 30 15.07 5.38 10.82
N ASN B 31 15.45 6.64 11.09
CA ASN B 31 15.20 7.20 12.42
C ASN B 31 13.69 7.18 12.77
N LEU B 32 12.83 7.38 11.78
CA LEU B 32 11.37 7.23 11.97
C LEU B 32 10.88 5.79 12.00
N ALA B 33 11.44 4.96 11.13
CA ALA B 33 11.03 3.56 11.07
C ALA B 33 11.34 2.80 12.35
N GLU B 34 12.39 3.22 13.06
CA GLU B 34 12.82 2.54 14.29
C GLU B 34 11.77 2.56 15.41
N ARG B 35 10.76 3.43 15.32
CA ARG B 35 9.59 3.33 16.21
C ARG B 35 8.89 1.99 16.08
N PHE B 36 8.82 1.47 14.84
CA PHE B 36 7.98 0.33 14.52
C PHE B 36 8.83 -0.93 14.28
N VAL B 37 10.16 -0.78 14.16
CA VAL B 37 11.02 -1.88 13.72
C VAL B 37 12.15 -2.03 14.72
N ALA B 38 12.36 -3.22 15.29
CA ALA B 38 13.30 -3.32 16.42
C ALA B 38 14.77 -2.93 16.09
N GLY B 39 15.15 -3.07 14.85
CA GLY B 39 16.52 -2.97 14.42
C GLY B 39 16.66 -3.86 13.20
N GLU B 40 17.89 -4.03 12.73
CA GLU B 40 18.09 -4.74 11.47
C GLU B 40 18.68 -6.13 11.65
N SER B 41 18.86 -6.57 12.91
CA SER B 41 19.55 -7.83 13.15
C SER B 41 18.79 -8.75 14.10
N ILE B 42 19.11 -10.04 14.03
CA ILE B 42 18.62 -10.99 15.04
C ILE B 42 18.92 -10.48 16.44
N GLU B 43 20.14 -10.00 16.67
CA GLU B 43 20.51 -9.53 17.99
C GLU B 43 19.62 -8.38 18.48
N SER B 44 19.32 -7.42 17.62
CA SER B 44 18.46 -6.30 18.04
C SER B 44 17.05 -6.77 18.35
N ALA B 45 16.58 -7.79 17.63
CA ALA B 45 15.23 -8.33 17.87
C ALA B 45 15.14 -9.05 19.22
N ILE B 46 16.13 -9.91 19.50
CA ILE B 46 16.21 -10.62 20.77
CA ILE B 46 16.17 -10.62 20.76
C ILE B 46 16.27 -9.63 21.92
N GLN B 47 17.09 -8.60 21.77
CA GLN B 47 17.18 -7.57 22.80
C GLN B 47 15.82 -6.90 23.06
N ALA B 48 15.06 -6.62 22.00
CA ALA B 48 13.74 -6.01 22.17
C ALA B 48 12.75 -6.97 22.86
N VAL B 49 12.84 -8.27 22.58
CA VAL B 49 12.01 -9.26 23.29
C VAL B 49 12.36 -9.23 24.77
N GLN B 50 13.64 -9.15 25.08
CA GLN B 50 14.02 -9.20 26.48
C GLN B 50 13.55 -7.93 27.20
N ALA B 51 13.51 -6.81 26.48
CA ALA B 51 13.05 -5.56 27.11
C ALA B 51 11.54 -5.66 27.38
N LEU B 52 10.77 -6.26 26.46
CA LEU B 52 9.33 -6.42 26.69
C LEU B 52 9.05 -7.32 27.89
N GLU B 53 9.84 -8.36 28.01
CA GLU B 53 9.66 -9.28 29.13
C GLU B 53 9.79 -8.58 30.51
N ARG B 54 10.55 -7.47 30.58
CA ARG B 54 10.69 -6.70 31.83
C ARG B 54 9.37 -6.06 32.28
N ASP B 55 8.48 -5.78 31.33
CA ASP B 55 7.18 -5.22 31.68
C ASP B 55 6.12 -6.31 31.67
N GLY B 56 6.55 -7.57 31.61
CA GLY B 56 5.60 -8.68 31.65
C GLY B 56 4.91 -8.97 30.31
N ILE B 57 5.49 -8.51 29.21
CA ILE B 57 4.91 -8.62 27.88
C ILE B 57 5.69 -9.67 27.07
N ALA B 58 4.99 -10.56 26.40
CA ALA B 58 5.63 -11.55 25.55
C ALA B 58 5.96 -11.03 24.14
N GLY B 59 6.79 -11.78 23.39
CA GLY B 59 7.17 -11.33 22.06
C GLY B 59 6.73 -12.29 20.97
N ASN B 60 6.62 -11.73 19.77
CA ASN B 60 6.21 -12.45 18.57
C ASN B 60 7.08 -11.96 17.44
N LEU B 61 8.14 -12.68 17.12
CA LEU B 61 9.18 -12.17 16.23
C LEU B 61 8.82 -12.33 14.76
N ASP B 62 9.23 -11.37 13.96
CA ASP B 62 9.00 -11.46 12.51
C ASP B 62 10.18 -10.89 11.76
N LEU B 63 10.73 -11.66 10.83
CA LEU B 63 11.73 -11.15 9.87
C LEU B 63 10.98 -10.47 8.72
N LEU B 64 11.30 -9.20 8.46
CA LEU B 64 10.59 -8.39 7.49
C LEU B 64 10.92 -8.77 6.06
N GLY B 65 9.91 -8.67 5.20
CA GLY B 65 10.05 -8.99 3.79
C GLY B 65 8.87 -9.83 3.30
N GLU B 66 8.51 -9.66 2.02
CA GLU B 66 7.29 -10.25 1.49
C GLU B 66 7.29 -10.28 -0.03
N PHE B 67 6.45 -11.16 -0.60
CA PHE B 67 6.26 -11.21 -2.07
C PHE B 67 7.60 -11.33 -2.75
N ILE B 68 8.39 -12.28 -2.26
CA ILE B 68 9.75 -12.48 -2.69
C ILE B 68 9.80 -13.17 -4.04
N ASP B 69 10.50 -12.52 -4.97
CA ASP B 69 10.51 -12.85 -6.37
C ASP B 69 11.16 -14.19 -6.71
N SER B 70 12.41 -14.31 -6.31
CA SER B 70 13.27 -15.43 -6.71
C SER B 70 13.12 -16.64 -5.80
N PRO B 71 13.01 -17.85 -6.36
CA PRO B 71 12.95 -19.05 -5.52
C PRO B 71 14.17 -19.17 -4.62
N ALA B 72 15.37 -18.89 -5.12
CA ALA B 72 16.56 -19.00 -4.26
C ALA B 72 16.50 -18.04 -3.08
N LYS B 73 15.99 -16.83 -3.31
CA LYS B 73 15.89 -15.83 -2.25
C LYS B 73 14.78 -16.20 -1.27
N CYS B 74 13.76 -16.90 -1.74
CA CYS B 74 12.70 -17.40 -0.82
C CYS B 74 13.24 -18.41 0.18
N THR B 75 14.08 -19.31 -0.32
CA THR B 75 14.67 -20.33 0.56
C THR B 75 15.73 -19.71 1.45
N GLU B 76 16.42 -18.69 0.95
CA GLU B 76 17.36 -17.93 1.80
C GLU B 76 16.60 -17.30 2.95
N PHE B 77 15.39 -16.83 2.67
CA PHE B 77 14.55 -16.19 3.67
C PHE B 77 14.18 -17.21 4.74
N ALA B 78 13.70 -18.38 4.31
CA ALA B 78 13.37 -19.45 5.25
C ALA B 78 14.56 -19.86 6.10
N ASP B 79 15.74 -19.97 5.50
CA ASP B 79 16.97 -20.27 6.26
C ASP B 79 17.20 -19.20 7.33
N ASP B 80 16.96 -17.95 7.01
CA ASP B 80 17.15 -16.85 7.95
C ASP B 80 16.15 -16.91 9.09
N VAL B 81 14.95 -17.38 8.80
CA VAL B 81 13.96 -17.58 9.88
C VAL B 81 14.38 -18.71 10.81
N ILE B 82 14.94 -19.78 10.23
CA ILE B 82 15.49 -20.86 11.06
C ILE B 82 16.64 -20.33 11.92
N LYS B 83 17.50 -19.45 11.39
CA LYS B 83 18.59 -18.87 12.21
C LYS B 83 18.02 -18.05 13.38
N LEU B 84 16.95 -17.31 13.12
CA LEU B 84 16.26 -16.57 14.18
C LEU B 84 15.74 -17.50 15.26
N ILE B 85 15.06 -18.56 14.86
CA ILE B 85 14.54 -19.55 15.81
C ILE B 85 15.65 -20.16 16.67
N GLU B 86 16.77 -20.51 16.04
CA GLU B 86 17.90 -21.06 16.77
C GLU B 86 18.44 -20.03 17.76
N ALA B 87 18.59 -18.78 17.33
CA ALA B 87 19.10 -17.73 18.21
C ALA B 87 18.14 -17.44 19.39
N ALA B 88 16.83 -17.40 19.12
CA ALA B 88 15.86 -17.20 20.22
C ALA B 88 16.00 -18.33 21.26
N HIS B 89 15.96 -19.56 20.78
CA HIS B 89 16.09 -20.69 21.69
C HIS B 89 17.39 -20.63 22.49
N ALA B 90 18.51 -20.32 21.85
CA ALA B 90 19.78 -20.27 22.58
C ALA B 90 19.83 -19.21 23.65
N ALA B 91 19.04 -18.15 23.49
CA ALA B 91 18.96 -17.09 24.48
C ALA B 91 17.90 -17.38 25.54
N GLY B 92 17.22 -18.53 25.40
CA GLY B 92 16.22 -18.93 26.39
C GLY B 92 14.82 -18.41 26.13
N ILE B 93 14.58 -18.00 24.89
CA ILE B 93 13.27 -17.52 24.49
C ILE B 93 12.58 -18.64 23.73
N LYS B 94 11.40 -19.04 24.18
CA LYS B 94 10.57 -20.00 23.42
C LYS B 94 10.25 -19.34 22.10
N PRO B 95 10.57 -19.98 20.98
CA PRO B 95 10.36 -19.28 19.70
C PRO B 95 8.88 -19.11 19.38
N TYR B 96 8.45 -17.87 19.26
CA TYR B 96 7.12 -17.55 18.76
C TYR B 96 7.40 -16.58 17.60
N VAL B 97 7.15 -17.05 16.38
CA VAL B 97 7.51 -16.32 15.19
C VAL B 97 6.31 -16.27 14.22
N SER B 98 6.08 -15.09 13.62
CA SER B 98 5.09 -14.89 12.52
C SER B 98 5.81 -14.82 11.21
N ILE B 99 5.31 -15.59 10.24
CA ILE B 99 5.84 -15.54 8.88
C ILE B 99 4.70 -15.23 7.90
N LYS B 100 5.12 -14.58 6.83
CA LYS B 100 4.26 -14.34 5.65
C LYS B 100 4.67 -15.40 4.62
N LEU B 101 3.73 -16.23 4.24
CA LEU B 101 4.09 -17.31 3.33
C LEU B 101 4.60 -16.83 1.96
N SER B 102 4.27 -15.60 1.56
CA SER B 102 4.84 -15.05 0.31
C SER B 102 6.36 -14.80 0.39
N SER B 103 6.91 -14.81 1.62
CA SER B 103 8.33 -14.58 1.78
C SER B 103 9.16 -15.84 1.62
N VAL B 104 8.49 -16.98 1.67
CA VAL B 104 9.22 -18.27 1.64
C VAL B 104 8.76 -19.19 0.52
N GLY B 105 8.03 -18.62 -0.46
CA GLY B 105 7.77 -19.36 -1.69
C GLY B 105 6.33 -19.72 -2.01
N GLN B 106 5.36 -19.24 -1.23
CA GLN B 106 3.97 -19.55 -1.50
C GLN B 106 3.62 -19.14 -2.94
N GLY B 107 3.13 -20.10 -3.75
CA GLY B 107 2.73 -19.82 -5.12
C GLY B 107 3.80 -20.19 -6.12
N LYS B 108 5.02 -20.48 -5.68
CA LYS B 108 6.10 -20.95 -6.55
C LYS B 108 6.21 -22.47 -6.50
N ASP B 109 6.54 -23.12 -7.62
CA ASP B 109 6.69 -24.57 -7.59
C ASP B 109 8.11 -25.14 -7.64
N GLU B 110 8.36 -26.15 -6.81
CA GLU B 110 9.66 -26.80 -6.71
C GLU B 110 9.48 -28.25 -6.26
N ASN B 111 9.95 -29.20 -7.08
CA ASN B 111 9.88 -30.63 -6.75
C ASN B 111 8.45 -31.14 -6.55
N GLY B 112 7.53 -30.66 -7.38
CA GLY B 112 6.15 -31.10 -7.35
C GLY B 112 5.41 -30.64 -6.11
N GLU B 113 5.90 -29.57 -5.50
CA GLU B 113 5.20 -29.02 -4.35
C GLU B 113 5.46 -27.52 -4.25
N ASP B 114 4.59 -26.80 -3.57
CA ASP B 114 4.72 -25.37 -3.34
C ASP B 114 5.93 -25.05 -2.43
N LEU B 115 6.78 -24.11 -2.85
CA LEU B 115 8.02 -23.82 -2.14
C LEU B 115 7.69 -23.26 -0.75
N GLY B 116 6.64 -22.44 -0.64
CA GLY B 116 6.22 -21.93 0.65
C GLY B 116 5.81 -23.02 1.64
N LEU B 117 5.05 -24.00 1.19
CA LEU B 117 4.66 -25.10 2.05
C LEU B 117 5.87 -25.93 2.50
N THR B 118 6.75 -26.22 1.55
CA THR B 118 8.00 -26.91 1.87
C THR B 118 8.80 -26.18 2.96
N ASN B 119 8.93 -24.87 2.83
CA ASN B 119 9.72 -24.13 3.79
C ASN B 119 8.97 -23.89 5.10
N ALA B 120 7.65 -23.70 5.07
CA ALA B 120 6.86 -23.63 6.30
C ALA B 120 7.03 -24.89 7.16
N ARG B 121 7.07 -26.05 6.52
CA ARG B 121 7.22 -27.29 7.27
C ARG B 121 8.55 -27.27 8.01
N ARG B 122 9.60 -26.82 7.32
CA ARG B 122 10.93 -26.73 7.95
C ARG B 122 10.96 -25.77 9.13
N ILE B 123 10.31 -24.63 8.97
CA ILE B 123 10.31 -23.58 10.01
C ILE B 123 9.53 -24.06 11.24
N ILE B 124 8.37 -24.67 11.02
CA ILE B 124 7.50 -25.13 12.12
C ILE B 124 8.11 -26.32 12.85
N ALA B 125 8.75 -27.20 12.11
CA ALA B 125 9.42 -28.36 12.71
C ALA B 125 10.45 -27.87 13.69
N LYS B 126 11.24 -26.85 13.30
CA LYS B 126 12.31 -26.34 14.16
C LYS B 126 11.76 -25.61 15.38
N ALA B 127 10.77 -24.73 15.19
CA ALA B 127 10.09 -24.09 16.32
C ALA B 127 9.50 -25.12 17.30
N LYS B 128 8.74 -26.07 16.81
CA LYS B 128 8.09 -27.08 17.69
C LYS B 128 9.07 -27.83 18.60
N GLU B 129 10.20 -28.19 18.01
CA GLU B 129 11.24 -28.85 18.81
C GLU B 129 11.62 -28.07 20.08
N TYR B 130 11.55 -26.77 20.00
CA TYR B 130 11.94 -25.90 21.08
C TYR B 130 10.74 -25.37 21.85
N GLY B 131 9.59 -26.06 21.70
CA GLY B 131 8.40 -25.73 22.46
C GLY B 131 7.72 -24.49 21.89
N GLY B 132 8.00 -24.15 20.61
CA GLY B 132 7.61 -22.91 19.97
C GLY B 132 6.33 -22.97 19.17
N PHE B 133 6.10 -21.86 18.47
CA PHE B 133 4.82 -21.60 17.78
C PHE B 133 5.07 -20.68 16.59
N ILE B 134 4.48 -21.05 15.46
CA ILE B 134 4.54 -20.20 14.24
C ILE B 134 3.13 -19.72 13.91
N CYS B 135 2.97 -18.41 13.71
CA CYS B 135 1.74 -17.86 13.10
C CYS B 135 1.93 -17.60 11.62
N LEU B 136 0.99 -18.10 10.82
CA LEU B 136 0.90 -17.72 9.39
C LEU B 136 0.06 -16.43 9.28
N ASP B 137 0.75 -15.32 9.10
CA ASP B 137 0.10 -14.02 8.86
C ASP B 137 -0.84 -14.12 7.64
N MET B 138 -1.93 -13.40 7.72
CA MET B 138 -2.80 -13.29 6.53
C MET B 138 -2.44 -12.07 5.68
N GLU B 139 -2.16 -12.35 4.40
CA GLU B 139 -1.82 -11.32 3.41
C GLU B 139 -3.11 -10.88 2.70
N ASP B 140 -3.03 -10.48 1.41
CA ASP B 140 -4.21 -9.96 0.71
C ASP B 140 -5.24 -11.04 0.34
N HIS B 141 -6.42 -10.64 -0.22
CA HIS B 141 -7.53 -11.61 -0.29
C HIS B 141 -7.26 -12.77 -1.23
N THR B 142 -6.36 -12.57 -2.20
CA THR B 142 -6.10 -13.59 -3.20
C THR B 142 -5.31 -14.72 -2.60
N ARG B 143 -4.83 -14.57 -1.36
CA ARG B 143 -4.03 -15.62 -0.76
C ARG B 143 -4.76 -16.33 0.37
N VAL B 144 -5.99 -15.94 0.66
CA VAL B 144 -6.76 -16.52 1.78
C VAL B 144 -7.13 -18.01 1.67
N ASP B 145 -7.66 -18.46 0.52
CA ASP B 145 -8.05 -19.87 0.42
C ASP B 145 -6.84 -20.76 0.60
N VAL B 146 -5.75 -20.42 -0.09
CA VAL B 146 -4.57 -21.26 -0.03
C VAL B 146 -3.86 -21.20 1.33
N THR B 147 -3.86 -20.03 1.98
CA THR B 147 -3.23 -19.95 3.29
C THR B 147 -4.06 -20.80 4.24
N LEU B 148 -5.37 -20.76 4.10
CA LEU B 148 -6.22 -21.56 4.96
C LEU B 148 -6.13 -23.08 4.70
N GLU B 149 -5.97 -23.47 3.43
CA GLU B 149 -5.79 -24.88 3.11
C GLU B 149 -4.50 -25.36 3.74
N GLN B 150 -3.47 -24.53 3.63
CA GLN B 150 -2.17 -24.86 4.17
C GLN B 150 -2.16 -24.86 5.70
N PHE B 151 -2.84 -23.90 6.31
CA PHE B 151 -2.96 -23.86 7.77
C PHE B 151 -3.55 -25.21 8.26
N ARG B 152 -4.65 -25.63 7.66
CA ARG B 152 -5.32 -26.84 8.11
C ARG B 152 -4.42 -28.07 8.00
N THR B 153 -3.69 -28.12 6.89
CA THR B 153 -2.74 -29.19 6.67
C THR B 153 -1.65 -29.23 7.69
N LEU B 154 -1.14 -28.04 8.00
CA LEU B 154 -0.08 -27.86 8.99
C LEU B 154 -0.52 -28.20 10.38
N VAL B 155 -1.77 -27.88 10.72
CA VAL B 155 -2.35 -28.29 12.00
C VAL B 155 -2.37 -29.80 12.10
N GLY B 156 -2.80 -30.47 11.02
CA GLY B 156 -2.79 -31.92 11.00
C GLY B 156 -1.42 -32.51 11.28
N GLU B 157 -0.39 -31.83 10.82
CA GLU B 157 0.97 -32.36 10.92
C GLU B 157 1.71 -32.00 12.21
N PHE B 158 1.45 -30.81 12.74
CA PHE B 158 2.21 -30.31 13.89
C PHE B 158 1.42 -30.06 15.20
N GLY B 159 0.09 -29.96 15.09
CA GLY B 159 -0.75 -29.67 16.25
C GLY B 159 -1.21 -28.23 16.38
N ALA B 160 -2.44 -28.06 16.87
CA ALA B 160 -2.97 -26.72 17.09
C ALA B 160 -2.16 -25.94 18.13
N GLU B 161 -1.37 -26.63 18.95
CA GLU B 161 -0.47 -25.97 19.90
C GLU B 161 0.75 -25.28 19.25
N HIS B 162 1.00 -25.59 17.98
CA HIS B 162 2.25 -25.16 17.34
C HIS B 162 2.15 -24.30 16.09
N VAL B 163 0.96 -24.20 15.50
CA VAL B 163 0.79 -23.32 14.37
C VAL B 163 -0.56 -22.65 14.47
N GLY B 164 -0.61 -21.37 14.10
CA GLY B 164 -1.82 -20.58 14.20
C GLY B 164 -1.97 -19.77 12.94
N THR B 165 -3.04 -19.01 12.83
CA THR B 165 -3.14 -18.09 11.68
C THR B 165 -3.97 -16.91 12.11
N VAL B 166 -4.45 -16.16 11.11
CA VAL B 166 -5.06 -14.84 11.30
C VAL B 166 -6.36 -14.78 10.46
N LEU B 167 -7.38 -14.11 10.96
CA LEU B 167 -8.50 -13.65 10.14
C LEU B 167 -8.77 -12.16 10.26
N GLN B 168 -9.15 -11.54 9.12
CA GLN B 168 -9.36 -10.10 9.03
C GLN B 168 -10.85 -9.75 9.08
N SER B 169 -11.25 -8.89 10.01
CA SER B 169 -12.67 -8.56 10.19
C SER B 169 -13.28 -7.74 9.07
N TYR B 170 -12.41 -7.11 8.28
CA TYR B 170 -12.95 -6.41 7.12
C TYR B 170 -13.52 -7.30 6.01
N LEU B 171 -13.21 -8.59 6.00
CA LEU B 171 -13.75 -9.42 4.91
C LEU B 171 -15.11 -10.07 5.23
N TYR B 172 -16.02 -10.05 4.24
CA TYR B 172 -17.30 -10.74 4.35
C TYR B 172 -17.14 -12.20 4.71
N ARG B 173 -16.12 -12.83 4.12
CA ARG B 173 -15.97 -14.29 4.24
C ARG B 173 -15.49 -14.74 5.62
N SER B 174 -15.02 -13.82 6.50
CA SER B 174 -14.29 -14.22 7.70
C SER B 174 -15.07 -15.01 8.74
N LEU B 175 -16.32 -14.62 9.02
CA LEU B 175 -17.11 -15.34 10.03
C LEU B 175 -17.31 -16.79 9.60
N GLY B 176 -17.55 -16.96 8.29
CA GLY B 176 -17.75 -18.28 7.71
C GLY B 176 -16.44 -19.07 7.73
N ASP B 177 -15.33 -18.44 7.37
CA ASP B 177 -14.03 -19.07 7.57
C ASP B 177 -13.74 -19.51 9.01
N ARG B 178 -14.06 -18.66 10.00
CA ARG B 178 -13.84 -19.00 11.43
C ARG B 178 -14.69 -20.21 11.85
N ALA B 179 -15.95 -20.26 11.44
CA ALA B 179 -16.86 -21.31 11.89
C ALA B 179 -16.37 -22.65 11.33
N SER B 180 -15.87 -22.61 10.10
CA SER B 180 -15.44 -23.81 9.42
C SER B 180 -14.11 -24.34 9.90
N LEU B 181 -13.45 -23.58 10.77
CA LEU B 181 -12.23 -24.07 11.42
C LEU B 181 -12.50 -24.60 12.83
N ASP B 182 -13.76 -24.55 13.28
CA ASP B 182 -14.05 -24.96 14.65
C ASP B 182 -13.63 -26.40 15.00
N ASP B 183 -13.61 -27.29 14.00
CA ASP B 183 -13.16 -28.68 14.19
C ASP B 183 -11.70 -28.78 14.67
N LEU B 184 -10.95 -27.75 14.35
CA LEU B 184 -9.53 -27.74 14.69
C LEU B 184 -9.23 -27.11 16.04
N ARG B 185 -10.27 -26.59 16.71
CA ARG B 185 -10.07 -25.75 17.92
C ARG B 185 -8.79 -24.90 17.80
N PRO B 186 -8.74 -24.04 16.77
CA PRO B 186 -7.48 -23.39 16.34
C PRO B 186 -7.16 -22.09 17.07
N ASN B 187 -5.86 -21.81 17.17
CA ASN B 187 -5.34 -20.53 17.63
C ASN B 187 -5.40 -19.53 16.48
N ILE B 188 -6.23 -18.50 16.64
CA ILE B 188 -6.38 -17.51 15.58
C ILE B 188 -6.28 -16.12 16.16
N ARG B 189 -5.49 -15.31 15.47
CA ARG B 189 -5.36 -13.88 15.73
C ARG B 189 -6.49 -13.15 14.97
N MET B 190 -7.30 -12.35 15.63
CA MET B 190 -8.27 -11.50 14.90
C MET B 190 -7.70 -10.12 14.72
N VAL B 191 -7.75 -9.61 13.47
CA VAL B 191 -7.24 -8.29 13.12
C VAL B 191 -8.27 -7.58 12.28
N LYS B 192 -8.17 -6.27 12.17
CA LYS B 192 -9.09 -5.57 11.26
C LYS B 192 -8.80 -5.85 9.77
N GLY B 193 -7.55 -5.68 9.37
CA GLY B 193 -7.13 -6.01 8.02
C GLY B 193 -6.25 -4.90 7.46
N ALA B 194 -5.08 -5.29 6.94
CA ALA B 194 -4.04 -4.33 6.58
C ALA B 194 -3.98 -3.85 5.12
N TYR B 195 -4.76 -4.44 4.20
CA TYR B 195 -4.59 -4.27 2.76
C TYR B 195 -5.73 -3.46 2.13
N LEU B 196 -5.54 -3.07 0.89
CA LEU B 196 -6.52 -2.31 0.09
C LEU B 196 -7.42 -3.36 -0.58
N GLU B 197 -8.68 -3.39 -0.23
CA GLU B 197 -9.61 -4.44 -0.70
C GLU B 197 -10.91 -3.80 -1.16
N PRO B 198 -11.44 -4.27 -2.29
CA PRO B 198 -12.64 -3.71 -2.92
C PRO B 198 -13.90 -4.17 -2.19
N ALA B 199 -15.01 -3.45 -2.46
CA ALA B 199 -16.27 -3.68 -1.81
C ALA B 199 -16.89 -5.04 -2.16
N THR B 200 -16.37 -5.69 -3.21
CA THR B 200 -16.77 -7.07 -3.52
C THR B 200 -16.38 -8.08 -2.44
N VAL B 201 -15.29 -7.81 -1.69
CA VAL B 201 -14.80 -8.72 -0.64
C VAL B 201 -14.72 -8.13 0.78
N ALA B 202 -14.61 -6.81 0.90
CA ALA B 202 -14.48 -6.23 2.23
C ALA B 202 -15.52 -5.16 2.51
N TYR B 203 -15.98 -5.08 3.76
CA TYR B 203 -16.88 -4.01 4.18
C TYR B 203 -16.32 -2.60 3.92
N PRO B 204 -17.03 -1.78 3.15
CA PRO B 204 -16.54 -0.40 3.06
C PRO B 204 -16.69 0.46 4.33
N ASP B 205 -17.68 0.20 5.19
CA ASP B 205 -17.91 1.07 6.35
C ASP B 205 -17.09 0.60 7.57
N LYS B 206 -16.28 1.47 8.17
CA LYS B 206 -15.47 1.08 9.34
C LYS B 206 -16.35 0.58 10.47
N ALA B 207 -17.57 1.09 10.58
CA ALA B 207 -18.49 0.64 11.63
C ALA B 207 -18.75 -0.85 11.50
N ASP B 208 -18.85 -1.33 10.25
CA ASP B 208 -19.08 -2.75 9.98
C ASP B 208 -17.84 -3.57 10.25
N VAL B 209 -16.69 -3.05 9.84
CA VAL B 209 -15.40 -3.70 10.17
C VAL B 209 -15.28 -3.88 11.66
N ASP B 210 -15.60 -2.84 12.43
CA ASP B 210 -15.45 -2.89 13.89
C ASP B 210 -16.44 -3.87 14.53
N GLN B 211 -17.67 -3.94 14.01
CA GLN B 211 -18.67 -4.86 14.54
C GLN B 211 -18.32 -6.30 14.19
N ASN B 212 -17.84 -6.51 12.98
CA ASN B 212 -17.43 -7.84 12.56
C ASN B 212 -16.23 -8.30 13.38
N TYR B 213 -15.36 -7.37 13.81
CA TYR B 213 -14.23 -7.69 14.69
C TYR B 213 -14.73 -8.29 16.00
N ARG B 214 -15.69 -7.61 16.64
CA ARG B 214 -16.27 -8.15 17.87
C ARG B 214 -16.91 -9.51 17.63
N ARG B 215 -17.64 -9.66 16.52
CA ARG B 215 -18.27 -10.96 16.24
C ARG B 215 -17.25 -12.09 16.14
N LEU B 216 -16.15 -11.85 15.42
CA LEU B 216 -15.08 -12.84 15.31
C LEU B 216 -14.46 -13.18 16.65
N VAL B 217 -14.14 -12.17 17.47
CA VAL B 217 -13.59 -12.44 18.80
C VAL B 217 -14.56 -13.19 19.71
N PHE B 218 -15.81 -12.72 19.76
CA PHE B 218 -16.78 -13.28 20.71
C PHE B 218 -17.15 -14.72 20.33
N GLN B 219 -17.27 -14.97 19.02
CA GLN B 219 -17.54 -16.33 18.52
CA GLN B 219 -17.56 -16.32 18.55
C GLN B 219 -16.39 -17.28 18.78
N HIS B 220 -15.16 -16.79 18.62
CA HIS B 220 -14.01 -17.67 18.88
C HIS B 220 -13.86 -17.96 20.38
N LEU B 221 -14.03 -16.94 21.22
CA LEU B 221 -14.07 -17.18 22.68
C LEU B 221 -15.22 -18.10 23.13
N LYS B 222 -16.44 -17.92 22.59
CA LYS B 222 -17.59 -18.76 22.98
C LYS B 222 -17.33 -20.19 22.62
N ALA B 223 -16.57 -20.41 21.56
CA ALA B 223 -16.23 -21.76 21.09
C ALA B 223 -15.06 -22.38 21.84
N GLY B 224 -14.37 -21.63 22.67
CA GLY B 224 -13.31 -22.23 23.47
C GLY B 224 -11.99 -22.38 22.73
N ASN B 225 -11.78 -21.54 21.74
CA ASN B 225 -10.53 -21.57 20.99
C ASN B 225 -9.60 -20.47 21.45
N TYR B 226 -8.30 -20.72 21.43
CA TYR B 226 -7.35 -19.67 21.83
C TYR B 226 -7.42 -18.50 20.85
N THR B 227 -7.60 -17.29 21.38
CA THR B 227 -7.92 -16.12 20.57
C THR B 227 -6.89 -15.04 20.88
N ASN B 228 -6.27 -14.51 19.83
CA ASN B 228 -5.39 -13.36 20.00
C ASN B 228 -6.14 -12.13 19.55
N VAL B 229 -6.35 -11.20 20.46
CA VAL B 229 -7.12 -10.02 20.13
C VAL B 229 -6.13 -8.94 19.75
N ALA B 230 -5.81 -8.89 18.46
CA ALA B 230 -4.75 -8.02 17.94
C ALA B 230 -5.36 -6.71 17.45
N THR B 231 -5.38 -5.71 18.32
CA THR B 231 -5.86 -4.39 17.97
C THR B 231 -5.28 -3.37 18.95
N HIS B 232 -5.27 -2.10 18.55
CA HIS B 232 -4.91 -1.03 19.49
C HIS B 232 -6.14 -0.16 19.74
N ASP B 233 -7.30 -0.61 19.26
CA ASP B 233 -8.56 0.15 19.44
C ASP B 233 -9.06 -0.06 20.87
N GLU B 234 -9.01 1.00 21.68
CA GLU B 234 -9.39 0.90 23.09
C GLU B 234 -10.89 0.62 23.30
N ARG B 235 -11.73 1.10 22.39
CA ARG B 235 -13.17 0.82 22.50
C ARG B 235 -13.41 -0.69 22.38
N ILE B 236 -12.71 -1.33 21.44
CA ILE B 236 -12.84 -2.77 21.27
C ILE B 236 -12.21 -3.52 22.47
N ILE B 237 -11.03 -3.07 22.88
CA ILE B 237 -10.37 -3.70 24.03
C ILE B 237 -11.28 -3.62 25.25
N ASP B 238 -11.89 -2.46 25.50
CA ASP B 238 -12.84 -2.36 26.62
C ASP B 238 -14.04 -3.32 26.51
N ASP B 239 -14.58 -3.48 25.31
CA ASP B 239 -15.70 -4.39 25.10
C ASP B 239 -15.29 -5.82 25.30
N VAL B 240 -14.07 -6.14 24.87
CA VAL B 240 -13.50 -7.47 25.08
C VAL B 240 -13.30 -7.77 26.57
N LYS B 241 -12.79 -6.81 27.33
CA LYS B 241 -12.63 -7.03 28.78
C LYS B 241 -13.99 -7.27 29.44
N ARG B 242 -15.00 -6.50 29.03
CA ARG B 242 -16.34 -6.63 29.62
C ARG B 242 -16.99 -7.98 29.26
N PHE B 243 -16.78 -8.41 28.03
CA PHE B 243 -17.28 -9.70 27.55
C PHE B 243 -16.68 -10.88 28.30
N VAL B 244 -15.35 -10.94 28.35
CA VAL B 244 -14.62 -11.93 29.11
C VAL B 244 -15.09 -12.07 30.57
N LEU B 245 -15.32 -10.94 31.24
CA LEU B 245 -15.78 -10.98 32.63
C LEU B 245 -17.19 -11.59 32.71
N ALA B 246 -18.09 -11.10 31.84
CA ALA B 246 -19.49 -11.54 31.86
C ALA B 246 -19.62 -13.03 31.59
N HIS B 247 -18.72 -13.60 30.80
CA HIS B 247 -18.82 -15.01 30.38
C HIS B 247 -17.87 -15.94 31.18
N GLY B 248 -17.17 -15.39 32.16
CA GLY B 248 -16.33 -16.19 33.04
C GLY B 248 -15.13 -16.79 32.33
N ILE B 249 -14.62 -16.11 31.31
CA ILE B 249 -13.50 -16.61 30.54
C ILE B 249 -12.19 -16.29 31.25
N GLY B 250 -11.30 -17.27 31.36
CA GLY B 250 -10.05 -17.09 32.11
C GLY B 250 -9.05 -16.24 31.34
N LYS B 251 -8.21 -15.55 32.09
CA LYS B 251 -7.22 -14.66 31.49
C LYS B 251 -6.00 -15.42 30.95
N ASP B 252 -6.05 -16.73 31.09
CA ASP B 252 -5.13 -17.61 30.46
C ASP B 252 -5.67 -18.19 29.14
N ALA B 253 -6.89 -17.78 28.73
CA ALA B 253 -7.55 -18.36 27.56
C ALA B 253 -7.45 -17.53 26.30
N PHE B 254 -6.77 -16.40 26.39
CA PHE B 254 -6.66 -15.50 25.23
C PHE B 254 -5.61 -14.49 25.54
N GLU B 255 -5.14 -13.74 24.54
CA GLU B 255 -4.22 -12.64 24.81
C GLU B 255 -4.55 -11.43 23.96
N PHE B 256 -4.17 -10.25 24.40
CA PHE B 256 -4.14 -9.09 23.52
C PHE B 256 -2.81 -9.06 22.80
N GLN B 257 -2.84 -8.54 21.56
CA GLN B 257 -1.62 -8.33 20.80
C GLN B 257 -1.60 -6.94 20.21
N MET B 258 -0.40 -6.37 20.15
CA MET B 258 -0.18 -5.04 19.56
C MET B 258 1.10 -5.05 18.75
N LEU B 259 1.19 -4.09 17.83
CA LEU B 259 2.43 -3.90 17.08
C LEU B 259 3.44 -3.11 17.89
N TYR B 260 4.70 -3.48 17.75
CA TYR B 260 5.79 -2.74 18.40
C TYR B 260 5.66 -1.24 18.12
N GLY B 261 5.70 -0.43 19.18
CA GLY B 261 5.64 1.01 19.03
C GLY B 261 4.27 1.64 19.00
N ILE B 262 3.22 0.84 19.11
CA ILE B 262 1.87 1.38 19.05
C ILE B 262 1.14 1.12 20.35
N ARG B 263 0.73 2.21 21.01
CA ARG B 263 0.09 2.18 22.33
C ARG B 263 0.89 1.35 23.35
N ARG B 264 2.17 1.69 23.53
CA ARG B 264 2.99 1.06 24.56
C ARG B 264 2.39 1.22 25.94
N ASP B 265 1.70 2.33 26.20
CA ASP B 265 1.01 2.50 27.50
C ASP B 265 -0.01 1.41 27.75
N LEU B 266 -0.79 1.08 26.73
CA LEU B 266 -1.80 0.04 26.84
C LEU B 266 -1.18 -1.34 27.01
N GLN B 267 -0.11 -1.61 26.27
CA GLN B 267 0.59 -2.87 26.40
C GLN B 267 0.97 -3.09 27.87
N LYS B 268 1.59 -2.07 28.48
CA LYS B 268 2.03 -2.19 29.87
C LYS B 268 0.87 -2.29 30.85
N GLN B 269 -0.15 -1.45 30.66
CA GLN B 269 -1.28 -1.45 31.58
C GLN B 269 -2.07 -2.78 31.57
N LEU B 270 -2.30 -3.33 30.38
CA LEU B 270 -3.00 -4.60 30.31
C LEU B 270 -2.25 -5.73 31.02
N ALA B 271 -0.92 -5.77 30.84
CA ALA B 271 -0.09 -6.78 31.51
C ALA B 271 -0.15 -6.57 33.00
N ALA B 272 -0.16 -5.33 33.47
CA ALA B 272 -0.22 -5.10 34.91
C ALA B 272 -1.55 -5.52 35.50
N GLU B 273 -2.61 -5.52 34.69
CA GLU B 273 -3.94 -5.96 35.11
C GLU B 273 -4.09 -7.48 35.06
N GLY B 274 -3.05 -8.18 34.59
CA GLY B 274 -3.07 -9.64 34.55
C GLY B 274 -3.52 -10.27 33.24
N TYR B 275 -3.72 -9.45 32.21
CA TYR B 275 -4.04 -9.98 30.89
C TYR B 275 -2.73 -10.38 30.25
N ARG B 276 -2.80 -11.38 29.37
CA ARG B 276 -1.66 -11.70 28.50
C ARG B 276 -1.55 -10.66 27.40
N VAL B 277 -0.33 -10.22 27.13
CA VAL B 277 -0.05 -9.28 26.05
C VAL B 277 1.16 -9.81 25.30
N ARG B 278 1.06 -9.90 23.98
CA ARG B 278 2.19 -10.33 23.15
C ARG B 278 2.38 -9.35 22.02
N VAL B 279 3.57 -8.77 21.92
CA VAL B 279 3.85 -7.73 20.96
C VAL B 279 4.53 -8.27 19.70
N TYR B 280 4.01 -7.86 18.53
CA TYR B 280 4.58 -8.22 17.23
C TYR B 280 5.85 -7.41 17.04
N LEU B 281 6.97 -8.10 16.86
CA LEU B 281 8.28 -7.52 16.92
C LEU B 281 9.00 -7.80 15.61
N PRO B 282 8.89 -6.85 14.66
CA PRO B 282 9.54 -7.04 13.37
C PRO B 282 10.98 -6.53 13.36
N TYR B 283 11.82 -7.18 12.55
CA TYR B 283 13.20 -6.75 12.40
C TYR B 283 13.71 -7.06 11.01
N GLY B 284 14.80 -6.39 10.61
CA GLY B 284 15.43 -6.77 9.36
C GLY B 284 15.70 -5.55 8.49
N ARG B 285 16.42 -5.76 7.40
CA ARG B 285 16.78 -4.68 6.49
C ARG B 285 15.65 -4.29 5.53
N ASP B 286 14.75 -5.22 5.26
CA ASP B 286 13.70 -5.00 4.26
C ASP B 286 12.41 -4.50 4.92
N TRP B 287 12.48 -3.31 5.50
CA TRP B 287 11.38 -2.82 6.33
C TRP B 287 10.41 -1.88 5.62
N TYR B 288 10.64 -1.62 4.33
CA TYR B 288 9.90 -0.57 3.61
C TYR B 288 8.39 -0.84 3.51
N ALA B 289 8.02 -2.09 3.19
CA ALA B 289 6.60 -2.40 3.00
C ALA B 289 5.83 -2.28 4.32
N TYR B 290 6.32 -2.92 5.36
CA TYR B 290 5.66 -2.84 6.69
C TYR B 290 5.57 -1.40 7.19
N PHE B 291 6.68 -0.66 7.13
CA PHE B 291 6.71 0.74 7.59
C PHE B 291 5.69 1.56 6.78
N SER B 292 5.61 1.32 5.46
CA SER B 292 4.65 2.06 4.63
C SER B 292 3.20 1.83 5.10
N ARG B 293 2.89 0.63 5.56
CA ARG B 293 1.52 0.35 6.03
C ARG B 293 1.27 1.10 7.34
N ARG B 294 2.28 1.18 8.19
CA ARG B 294 2.12 1.93 9.45
C ARG B 294 1.84 3.42 9.17
N ILE B 295 2.52 4.00 8.17
CA ILE B 295 2.30 5.39 7.76
C ILE B 295 0.90 5.55 7.19
N ALA B 296 0.50 4.64 6.31
CA ALA B 296 -0.82 4.72 5.69
C ALA B 296 -1.96 4.73 6.73
N GLU B 297 -1.75 4.00 7.83
CA GLU B 297 -2.73 3.91 8.93
C GLU B 297 -2.75 5.09 9.88
N THR B 298 -1.90 6.08 9.72
CA THR B 298 -1.83 7.18 10.67
C THR B 298 -3.20 7.79 10.95
N PRO B 299 -3.58 7.87 12.24
CA PRO B 299 -4.83 8.55 12.61
C PRO B 299 -4.86 10.00 12.11
#